data_3VWQ
#
_entry.id   3VWQ
#
_cell.length_a   96.400
_cell.length_b   96.400
_cell.length_c   113.050
_cell.angle_alpha   90.000
_cell.angle_beta   90.000
_cell.angle_gamma   120.000
#
_symmetry.space_group_name_H-M   'P 32 2 1'
#
loop_
_entity.id
_entity.type
_entity.pdbx_description
1 polymer '6-aminohexanoate-dimer hydrolase'
2 non-polymer '6-AMINOHEXANOIC ACID'
3 non-polymer GLYCEROL
4 non-polymer '2-(N-MORPHOLINO)-ETHANESULFONIC ACID'
5 water water
#
_entity_poly.entity_id   1
_entity_poly.type   'polypeptide(L)'
_entity_poly.pdbx_seq_one_letter_code
;MNARSTGQHPARYPGAAAGEPTLDSWQEPPHNRWAFAHLGEMVPSAAVSRRPVNAPGHALARLGAIAAQLPDLEQRLEQT
YTDAFLVLRGTEVVAEYYRAGFAPDDRHLLMAVSKSLCGTVVGALVDEGRIDPAQPVTEYVPELAGSVYDGPSVLQVLDM
QISIDYNEDYVDPASEVQTHDRSAGWATRRHGDPADTYEFLTTLRGDGSTGEFQYCSANTDVLAWIVERVTGLRYVEALS
TYLWAKLDADRDATITVDTTGFGFANGGVSCTARDLARVGRMMLDGGVAPGGRVVSEDWVRRVLAGGSHEAMTDKGFTNT
FPDGSYTRQWWCTGNERGNVSGIGIHGQNLWLDPLTDSVIVKLSSWPDPYTEHWHRLQNGILLDVSRALDAV
;
_entity_poly.pdbx_strand_id   A
#
loop_
_chem_comp.id
_chem_comp.type
_chem_comp.name
_chem_comp.formula
GOL non-polymer GLYCEROL 'C3 H8 O3'
MES non-polymer '2-(N-MORPHOLINO)-ETHANESULFONIC ACID' 'C6 H13 N O4 S'
#
# COMPACT_ATOMS: atom_id res chain seq x y z
N SER A 5 -23.23 9.65 10.08
CA SER A 5 -22.06 10.37 10.66
C SER A 5 -20.89 9.40 10.85
N THR A 6 -19.67 9.89 10.65
CA THR A 6 -18.49 9.06 10.77
C THR A 6 -17.62 9.41 11.98
N GLY A 7 -18.15 10.27 12.85
CA GLY A 7 -17.40 10.65 14.05
C GLY A 7 -16.23 11.59 13.85
N GLN A 8 -15.46 11.74 14.92
CA GLN A 8 -14.29 12.63 14.92
C GLN A 8 -13.14 12.17 14.03
N HIS A 9 -12.55 13.12 13.31
CA HIS A 9 -11.41 12.86 12.43
C HIS A 9 -10.36 13.92 12.70
N PRO A 10 -9.09 13.60 12.47
CA PRO A 10 -8.01 14.57 12.70
C PRO A 10 -8.20 15.80 11.82
N ALA A 11 -8.10 16.98 12.43
CA ALA A 11 -8.28 18.23 11.69
C ALA A 11 -7.17 18.40 10.65
N ARG A 12 -7.49 19.03 9.52
CA ARG A 12 -6.50 19.25 8.47
C ARG A 12 -5.34 20.06 9.05
N TYR A 13 -5.66 20.96 9.97
CA TYR A 13 -4.67 21.80 10.64
C TYR A 13 -5.20 22.10 12.05
N PRO A 14 -4.32 22.53 12.97
CA PRO A 14 -4.73 22.84 14.34
C PRO A 14 -5.93 23.79 14.46
N GLY A 15 -7.00 23.31 15.08
CA GLY A 15 -8.18 24.12 15.26
C GLY A 15 -9.15 24.14 14.09
N ALA A 16 -8.84 23.41 13.02
CA ALA A 16 -9.72 23.37 11.86
C ALA A 16 -11.07 22.72 12.15
N ALA A 17 -12.12 23.25 11.54
CA ALA A 17 -13.46 22.69 11.71
C ALA A 17 -13.51 21.41 10.89
N ALA A 18 -14.51 20.59 11.14
CA ALA A 18 -14.66 19.33 10.41
C ALA A 18 -14.75 19.58 8.90
N GLY A 19 -13.94 18.85 8.13
CA GLY A 19 -13.96 18.97 6.69
C GLY A 19 -13.34 20.22 6.07
N GLU A 20 -12.78 21.09 6.89
CA GLU A 20 -12.17 22.33 6.39
C GLU A 20 -10.66 22.22 6.25
N PRO A 21 -10.10 22.82 5.18
CA PRO A 21 -10.83 23.57 4.16
C PRO A 21 -11.29 22.66 3.02
N THR A 22 -12.12 23.21 2.13
CA THR A 22 -12.61 22.49 0.96
C THR A 22 -12.01 23.23 -0.23
N LEU A 23 -12.24 22.72 -1.43
CA LEU A 23 -11.72 23.35 -2.63
C LEU A 23 -12.29 24.76 -2.79
N ASP A 24 -13.39 25.04 -2.10
CA ASP A 24 -14.03 26.35 -2.21
C ASP A 24 -13.79 27.28 -1.02
N SER A 25 -12.98 26.86 -0.05
CA SER A 25 -12.73 27.70 1.11
C SER A 25 -11.26 27.86 1.52
N TRP A 26 -10.35 27.16 0.85
CA TRP A 26 -8.95 27.23 1.22
C TRP A 26 -8.30 28.62 1.16
N GLN A 27 -8.87 29.55 0.38
CA GLN A 27 -8.31 30.89 0.29
C GLN A 27 -8.80 31.79 1.42
N GLU A 28 -9.75 31.30 2.21
CA GLU A 28 -10.31 32.08 3.31
C GLU A 28 -9.62 31.83 4.64
N PRO A 29 -9.65 32.82 5.54
CA PRO A 29 -9.03 32.65 6.85
C PRO A 29 -10.03 31.81 7.66
N PRO A 30 -9.55 31.00 8.62
CA PRO A 30 -8.14 30.81 9.02
C PRO A 30 -7.45 29.72 8.20
N HIS A 31 -8.16 29.15 7.23
CA HIS A 31 -7.61 28.06 6.42
C HIS A 31 -6.39 28.41 5.57
N ASN A 32 -6.40 29.62 5.02
CA ASN A 32 -5.32 30.03 4.12
C ASN A 32 -3.90 29.96 4.63
N ARG A 33 -3.68 30.14 5.94
CA ARG A 33 -2.32 30.07 6.45
C ARG A 33 -1.78 28.68 6.18
N TRP A 34 -2.62 27.66 6.40
CA TRP A 34 -2.21 26.29 6.15
C TRP A 34 -2.20 25.99 4.65
N ALA A 35 -3.30 26.33 3.98
CA ALA A 35 -3.44 26.05 2.55
C ALA A 35 -2.33 26.63 1.67
N PHE A 36 -1.90 27.85 1.96
CA PHE A 36 -0.84 28.46 1.15
C PHE A 36 0.48 27.72 1.26
N ALA A 37 0.63 26.88 2.28
CA ALA A 37 1.86 26.12 2.46
C ALA A 37 1.69 24.65 2.06
N HIS A 38 0.48 24.29 1.64
CA HIS A 38 0.18 22.90 1.27
C HIS A 38 -0.86 22.84 0.14
N LEU A 39 -0.77 23.74 -0.84
CA LEU A 39 -1.77 23.77 -1.90
C LEU A 39 -1.93 22.49 -2.70
N GLY A 40 -0.87 21.69 -2.81
CA GLY A 40 -0.94 20.46 -3.57
C GLY A 40 -1.96 19.50 -3.00
N GLU A 41 -2.29 19.67 -1.72
CA GLU A 41 -3.26 18.83 -1.04
C GLU A 41 -4.69 19.23 -1.41
N MET A 42 -4.82 20.37 -2.06
CA MET A 42 -6.13 20.89 -2.45
C MET A 42 -6.38 20.89 -3.94
N VAL A 43 -5.35 21.26 -4.71
CA VAL A 43 -5.44 21.37 -6.16
C VAL A 43 -4.35 20.60 -6.90
N PRO A 44 -4.70 19.84 -7.94
CA PRO A 44 -3.69 19.08 -8.69
C PRO A 44 -2.56 20.03 -9.07
N SER A 45 -1.32 19.58 -8.90
CA SER A 45 -0.15 20.42 -9.16
C SER A 45 1.00 19.67 -9.79
N ALA A 46 1.80 20.40 -10.58
CA ALA A 46 2.95 19.84 -11.27
C ALA A 46 4.26 20.40 -10.74
N ALA A 47 5.31 19.61 -10.83
CA ALA A 47 6.63 20.03 -10.38
C ALA A 47 7.27 20.85 -11.49
N VAL A 48 7.97 21.90 -11.09
CA VAL A 48 8.69 22.78 -12.01
C VAL A 48 10.15 22.44 -11.68
N SER A 49 10.76 21.61 -12.51
CA SER A 49 12.11 21.13 -12.26
C SER A 49 13.24 22.14 -12.09
N ARG A 50 14.06 21.89 -11.06
CA ARG A 50 15.22 22.74 -10.79
C ARG A 50 16.41 22.24 -11.61
N ARG A 51 16.25 21.07 -12.23
CA ARG A 51 17.29 20.47 -13.07
C ARG A 51 17.04 20.69 -14.55
N PRO A 52 18.09 21.07 -15.30
CA PRO A 52 18.01 21.32 -16.75
C PRO A 52 17.70 20.06 -17.56
N GLY A 57 15.65 10.61 -20.79
CA GLY A 57 15.83 10.54 -22.22
C GLY A 57 16.36 9.20 -22.68
N HIS A 58 17.07 8.51 -21.78
CA HIS A 58 17.62 7.20 -22.10
C HIS A 58 17.57 6.33 -20.84
N ALA A 59 17.30 5.04 -21.03
CA ALA A 59 17.22 4.12 -19.90
C ALA A 59 18.57 3.97 -19.20
N LEU A 60 18.53 3.87 -17.87
CA LEU A 60 19.74 3.70 -17.08
C LEU A 60 19.76 2.25 -16.61
N ALA A 61 20.73 1.48 -17.10
CA ALA A 61 20.83 0.08 -16.73
C ALA A 61 22.16 -0.23 -16.04
N ARG A 62 22.08 -0.52 -14.75
CA ARG A 62 23.25 -0.85 -13.95
C ARG A 62 22.93 -2.14 -13.20
N LEU A 63 22.72 -3.21 -13.96
CA LEU A 63 22.37 -4.50 -13.39
C LEU A 63 23.58 -5.21 -12.80
N GLY A 64 24.75 -4.64 -13.05
CA GLY A 64 26.00 -5.18 -12.53
C GLY A 64 26.18 -6.69 -12.45
N ALA A 65 26.36 -7.18 -11.24
CA ALA A 65 26.57 -8.60 -10.98
C ALA A 65 25.57 -9.55 -11.61
N ILE A 66 24.32 -9.50 -11.16
CA ILE A 66 23.28 -10.36 -11.68
C ILE A 66 23.17 -10.36 -13.20
N ALA A 67 23.79 -9.37 -13.83
CA ALA A 67 23.75 -9.27 -15.29
C ALA A 67 24.36 -10.49 -15.95
N ALA A 68 25.45 -11.00 -15.38
CA ALA A 68 26.13 -12.16 -15.93
C ALA A 68 25.24 -13.40 -15.83
N GLN A 69 24.51 -13.52 -14.73
CA GLN A 69 23.62 -14.65 -14.51
C GLN A 69 22.30 -14.50 -15.25
N LEU A 70 21.92 -13.26 -15.52
CA LEU A 70 20.67 -12.97 -16.22
C LEU A 70 20.96 -12.00 -17.36
N PRO A 71 21.61 -12.48 -18.44
CA PRO A 71 21.96 -11.68 -19.61
C PRO A 71 20.85 -10.89 -20.28
N ASP A 72 19.65 -11.46 -20.35
CA ASP A 72 18.53 -10.77 -20.99
C ASP A 72 17.63 -10.03 -20.01
N LEU A 73 18.13 -9.76 -18.81
CA LEU A 73 17.33 -9.09 -17.78
C LEU A 73 16.72 -7.75 -18.21
N GLU A 74 17.51 -6.88 -18.84
CA GLU A 74 16.97 -5.60 -19.24
C GLU A 74 15.78 -5.77 -20.17
N GLN A 75 15.89 -6.72 -21.11
CA GLN A 75 14.80 -6.97 -22.04
C GLN A 75 13.57 -7.48 -21.29
N ARG A 76 13.79 -8.28 -20.27
CA ARG A 76 12.70 -8.84 -19.48
C ARG A 76 12.01 -7.72 -18.71
N LEU A 77 12.79 -6.75 -18.25
CA LEU A 77 12.23 -5.62 -17.51
C LEU A 77 11.40 -4.76 -18.46
N GLU A 78 11.88 -4.58 -19.68
CA GLU A 78 11.15 -3.77 -20.66
C GLU A 78 9.84 -4.47 -20.98
N GLN A 79 9.90 -5.78 -21.18
CA GLN A 79 8.71 -6.55 -21.50
C GLN A 79 7.64 -6.47 -20.43
N THR A 80 8.04 -6.21 -19.19
CA THR A 80 7.08 -6.10 -18.10
C THR A 80 6.86 -4.63 -17.70
N TYR A 81 7.02 -3.74 -18.67
CA TYR A 81 6.81 -2.30 -18.47
C TYR A 81 7.45 -1.76 -17.19
N THR A 82 8.70 -2.10 -16.96
CA THR A 82 9.40 -1.66 -15.75
C THR A 82 9.78 -0.19 -15.81
N ASP A 83 9.47 0.55 -14.76
CA ASP A 83 9.81 1.95 -14.68
C ASP A 83 11.04 2.13 -13.81
N ALA A 84 11.06 1.44 -12.67
CA ALA A 84 12.17 1.50 -11.74
C ALA A 84 12.39 0.11 -11.16
N PHE A 85 13.65 -0.30 -11.08
CA PHE A 85 14.01 -1.62 -10.56
C PHE A 85 15.27 -1.46 -9.71
N LEU A 86 15.25 -2.00 -8.50
CA LEU A 86 16.40 -1.89 -7.62
C LEU A 86 16.55 -3.09 -6.71
N VAL A 87 17.78 -3.58 -6.60
CA VAL A 87 18.09 -4.72 -5.75
C VAL A 87 19.03 -4.29 -4.64
N LEU A 88 18.59 -4.46 -3.41
CA LEU A 88 19.39 -4.11 -2.24
C LEU A 88 19.81 -5.41 -1.55
N ARG A 89 21.11 -5.70 -1.59
CA ARG A 89 21.64 -6.89 -0.92
C ARG A 89 22.32 -6.41 0.34
N GLY A 90 21.72 -6.70 1.49
CA GLY A 90 22.29 -6.23 2.75
C GLY A 90 22.00 -4.74 2.79
N THR A 91 23.04 -3.92 2.86
CA THR A 91 22.86 -2.48 2.90
C THR A 91 23.38 -1.86 1.59
N GLU A 92 23.71 -2.72 0.64
CA GLU A 92 24.26 -2.27 -0.63
C GLU A 92 23.35 -2.43 -1.85
N VAL A 93 23.32 -1.39 -2.70
CA VAL A 93 22.52 -1.44 -3.92
C VAL A 93 23.40 -2.15 -4.94
N VAL A 94 23.02 -3.37 -5.30
CA VAL A 94 23.81 -4.16 -6.24
C VAL A 94 23.30 -4.17 -7.68
N ALA A 95 22.10 -3.63 -7.89
CA ALA A 95 21.54 -3.60 -9.23
C ALA A 95 20.48 -2.51 -9.32
N GLU A 96 20.44 -1.82 -10.46
CA GLU A 96 19.48 -0.74 -10.69
C GLU A 96 19.11 -0.61 -12.16
N TYR A 97 17.88 -0.18 -12.40
CA TYR A 97 17.39 0.05 -13.76
C TYR A 97 16.25 1.07 -13.71
N TYR A 98 16.28 2.02 -14.64
CA TYR A 98 15.24 3.04 -14.72
C TYR A 98 14.98 3.29 -16.21
N ARG A 99 13.72 3.23 -16.60
CA ARG A 99 13.36 3.43 -18.00
C ARG A 99 13.69 4.84 -18.46
N ALA A 100 13.75 5.03 -19.77
CA ALA A 100 14.03 6.34 -20.31
C ALA A 100 12.87 7.22 -19.90
N GLY A 101 13.17 8.40 -19.37
CA GLY A 101 12.11 9.30 -18.96
C GLY A 101 11.80 9.24 -17.47
N PHE A 102 12.39 8.29 -16.77
CA PHE A 102 12.18 8.16 -15.32
C PHE A 102 13.53 8.26 -14.63
N ALA A 103 13.71 9.31 -13.83
CA ALA A 103 14.96 9.51 -13.11
C ALA A 103 15.05 8.63 -11.87
N PRO A 104 16.27 8.29 -11.45
CA PRO A 104 16.46 7.44 -10.26
C PRO A 104 15.78 7.99 -9.01
N ASP A 105 15.69 9.32 -8.91
CA ASP A 105 15.07 9.96 -7.77
C ASP A 105 13.61 10.36 -7.98
N ASP A 106 13.02 9.93 -9.10
CA ASP A 106 11.62 10.23 -9.36
C ASP A 106 10.77 9.31 -8.49
N ARG A 107 9.58 9.78 -8.12
CA ARG A 107 8.68 8.97 -7.30
C ARG A 107 7.70 8.22 -8.20
N HIS A 108 7.24 7.07 -7.72
CA HIS A 108 6.34 6.23 -8.49
C HIS A 108 5.20 5.73 -7.60
N LEU A 109 4.00 5.70 -8.14
CA LEU A 109 2.82 5.23 -7.41
C LEU A 109 3.05 3.78 -6.99
N LEU A 110 2.71 3.47 -5.74
CA LEU A 110 2.92 2.12 -5.22
C LEU A 110 1.70 1.22 -5.32
N MET A 111 0.54 1.81 -5.61
CA MET A 111 -0.70 1.04 -5.64
C MET A 111 -0.78 0.26 -4.31
N ALA A 112 -1.22 -0.99 -4.32
CA ALA A 112 -1.36 -1.75 -3.07
C ALA A 112 -0.11 -2.04 -2.26
N VAL A 113 1.07 -1.68 -2.74
CA VAL A 113 2.26 -1.89 -1.91
C VAL A 113 2.02 -0.93 -0.73
N SER A 114 1.18 0.08 -0.96
CA SER A 114 0.82 1.05 0.08
C SER A 114 0.23 0.33 1.29
N LYS A 115 -0.50 -0.76 1.04
CA LYS A 115 -1.13 -1.51 2.13
C LYS A 115 -0.12 -2.06 3.12
N SER A 116 1.01 -2.54 2.61
CA SER A 116 2.04 -3.10 3.49
C SER A 116 2.61 -1.99 4.38
N LEU A 117 2.64 -0.76 3.87
CA LEU A 117 3.12 0.35 4.67
C LEU A 117 2.11 0.65 5.76
N CYS A 118 0.82 0.60 5.43
CA CYS A 118 -0.22 0.86 6.41
C CYS A 118 -0.18 -0.21 7.51
N GLY A 119 -0.03 -1.47 7.10
CA GLY A 119 0.04 -2.55 8.07
C GLY A 119 1.19 -2.34 9.03
N THR A 120 2.27 -1.76 8.53
CA THR A 120 3.45 -1.49 9.35
C THR A 120 3.11 -0.46 10.43
N VAL A 121 2.37 0.57 10.06
CA VAL A 121 1.97 1.59 11.02
C VAL A 121 1.10 0.97 12.09
N VAL A 122 0.17 0.10 11.69
CA VAL A 122 -0.68 -0.57 12.66
C VAL A 122 0.18 -1.40 13.60
N GLY A 123 1.17 -2.09 13.04
CA GLY A 123 2.06 -2.90 13.86
C GLY A 123 2.80 -2.08 14.90
N ALA A 124 3.19 -0.86 14.52
CA ALA A 124 3.91 0.01 15.43
C ALA A 124 3.03 0.34 16.64
N LEU A 125 1.75 0.58 16.37
CA LEU A 125 0.81 0.92 17.43
C LEU A 125 0.47 -0.30 18.30
N VAL A 126 0.56 -1.50 17.71
CA VAL A 126 0.30 -2.71 18.48
C VAL A 126 1.45 -2.87 19.47
N ASP A 127 2.66 -2.56 19.00
CA ASP A 127 3.86 -2.66 19.82
C ASP A 127 3.81 -1.67 20.97
N GLU A 128 3.07 -0.57 20.79
CA GLU A 128 2.93 0.44 21.83
C GLU A 128 1.77 0.09 22.76
N GLY A 129 1.01 -0.91 22.37
CA GLY A 129 -0.14 -1.33 23.17
C GLY A 129 -1.35 -0.44 22.98
N ARG A 130 -1.33 0.37 21.92
CA ARG A 130 -2.46 1.27 21.63
C ARG A 130 -3.51 0.58 20.76
N ILE A 131 -3.14 -0.55 20.17
CA ILE A 131 -4.07 -1.34 19.37
C ILE A 131 -3.91 -2.81 19.74
N ASP A 132 -5.03 -3.47 20.00
CA ASP A 132 -5.06 -4.89 20.34
C ASP A 132 -5.79 -5.55 19.18
N PRO A 133 -5.06 -6.27 18.32
CA PRO A 133 -5.65 -6.94 17.17
C PRO A 133 -6.83 -7.88 17.47
N ALA A 134 -6.93 -8.34 18.72
CA ALA A 134 -8.00 -9.24 19.12
C ALA A 134 -9.30 -8.48 19.35
N GLN A 135 -9.19 -7.17 19.52
CA GLN A 135 -10.38 -6.33 19.74
C GLN A 135 -11.17 -6.11 18.46
N PRO A 136 -12.49 -5.93 18.59
CA PRO A 136 -13.32 -5.70 17.40
C PRO A 136 -13.02 -4.31 16.84
N VAL A 137 -13.21 -4.13 15.55
CA VAL A 137 -12.98 -2.84 14.91
C VAL A 137 -13.76 -1.75 15.63
N THR A 138 -14.99 -2.07 16.01
CA THR A 138 -15.86 -1.12 16.70
C THR A 138 -15.34 -0.60 18.04
N GLU A 139 -14.30 -1.25 18.57
CA GLU A 139 -13.71 -0.81 19.83
C GLU A 139 -12.99 0.51 19.57
N TYR A 140 -12.51 0.68 18.35
CA TYR A 140 -11.77 1.88 17.96
C TYR A 140 -12.58 2.81 17.07
N VAL A 141 -13.43 2.23 16.23
CA VAL A 141 -14.28 3.00 15.33
C VAL A 141 -15.73 2.57 15.54
N PRO A 142 -16.36 3.07 16.62
CA PRO A 142 -17.75 2.75 16.96
C PRO A 142 -18.71 3.04 15.81
N GLU A 143 -18.39 4.06 15.02
CA GLU A 143 -19.24 4.45 13.90
C GLU A 143 -19.37 3.39 12.81
N LEU A 144 -18.56 2.35 12.88
CA LEU A 144 -18.65 1.28 11.89
C LEU A 144 -19.68 0.24 12.30
N ALA A 145 -20.39 0.52 13.38
CA ALA A 145 -21.44 -0.37 13.85
C ALA A 145 -22.49 -0.41 12.75
N GLY A 146 -23.09 -1.57 12.53
CA GLY A 146 -24.12 -1.68 11.50
C GLY A 146 -23.56 -1.97 10.12
N SER A 147 -22.24 -2.01 9.99
CA SER A 147 -21.61 -2.29 8.71
C SER A 147 -20.94 -3.65 8.79
N VAL A 148 -20.34 -4.08 7.68
CA VAL A 148 -19.67 -5.38 7.63
C VAL A 148 -18.50 -5.44 8.60
N TYR A 149 -18.08 -4.27 9.09
CA TYR A 149 -16.97 -4.19 10.03
C TYR A 149 -17.43 -4.21 11.49
N ASP A 150 -18.71 -4.51 11.67
CA ASP A 150 -19.32 -4.61 12.99
C ASP A 150 -19.26 -6.08 13.36
N GLY A 151 -18.29 -6.46 14.19
CA GLY A 151 -18.15 -7.85 14.57
C GLY A 151 -16.72 -8.35 14.39
N PRO A 152 -16.15 -8.22 13.18
CA PRO A 152 -14.78 -8.67 12.93
C PRO A 152 -13.75 -7.98 13.81
N SER A 153 -12.64 -8.66 14.06
CA SER A 153 -11.55 -8.12 14.87
C SER A 153 -10.60 -7.32 13.99
N VAL A 154 -9.73 -6.54 14.62
CA VAL A 154 -8.75 -5.75 13.87
C VAL A 154 -7.80 -6.69 13.13
N LEU A 155 -7.52 -7.85 13.73
CA LEU A 155 -6.62 -8.80 13.08
C LEU A 155 -7.27 -9.35 11.81
N GLN A 156 -8.58 -9.56 11.85
CA GLN A 156 -9.27 -10.05 10.66
C GLN A 156 -9.22 -9.01 9.55
N VAL A 157 -9.12 -7.73 9.90
CA VAL A 157 -9.02 -6.69 8.89
C VAL A 157 -7.59 -6.78 8.33
N LEU A 158 -6.63 -6.88 9.24
CA LEU A 158 -5.21 -6.98 8.88
C LEU A 158 -4.94 -8.15 7.94
N ASP A 159 -5.61 -9.28 8.20
CA ASP A 159 -5.42 -10.50 7.39
C ASP A 159 -6.44 -10.61 6.25
N MET A 160 -7.34 -9.62 6.17
CA MET A 160 -8.39 -9.61 5.15
C MET A 160 -9.18 -10.90 5.09
N GLN A 161 -9.70 -11.30 6.25
CA GLN A 161 -10.50 -12.51 6.38
C GLN A 161 -11.93 -12.15 6.76
N ILE A 162 -12.51 -11.23 6.00
CA ILE A 162 -13.87 -10.77 6.22
C ILE A 162 -14.63 -10.86 4.90
N SER A 163 -15.79 -11.52 4.90
CA SER A 163 -16.58 -11.63 3.67
C SER A 163 -17.29 -10.30 3.46
N ILE A 164 -17.06 -9.71 2.29
CA ILE A 164 -17.66 -8.41 1.98
C ILE A 164 -18.27 -8.39 0.59
N ASP A 165 -19.46 -7.80 0.49
CA ASP A 165 -20.12 -7.66 -0.81
C ASP A 165 -19.37 -6.50 -1.45
N TYR A 166 -18.37 -6.84 -2.25
N TYR A 166 -18.28 -6.81 -2.16
CA TYR A 166 -17.56 -5.86 -2.93
CA TYR A 166 -17.45 -5.79 -2.80
C TYR A 166 -17.50 -6.18 -4.42
C TYR A 166 -16.65 -6.40 -3.94
N ASN A 167 -18.36 -5.54 -5.21
N ASN A 167 -16.82 -5.84 -5.13
CA ASN A 167 -18.39 -5.75 -6.64
CA ASN A 167 -16.11 -6.33 -6.32
C ASN A 167 -17.07 -5.26 -7.25
C ASN A 167 -14.82 -5.54 -6.55
N GLU A 168 -16.34 -6.18 -7.88
N GLU A 168 -13.69 -6.22 -6.36
CA GLU A 168 -15.06 -5.84 -8.50
CA GLU A 168 -12.37 -5.62 -6.53
C GLU A 168 -15.14 -5.46 -9.97
C GLU A 168 -11.90 -5.73 -7.98
N ASP A 169 -16.36 -5.33 -10.48
N ASP A 169 -12.76 -5.31 -8.91
CA ASP A 169 -16.56 -4.97 -11.88
CA ASP A 169 -12.45 -5.34 -10.35
C ASP A 169 -16.45 -3.44 -12.01
C ASP A 169 -12.10 -3.93 -10.80
N TYR A 170 -15.21 -2.96 -12.13
N TYR A 170 -10.86 -3.76 -11.24
CA TYR A 170 -14.94 -1.53 -12.23
CA TYR A 170 -10.36 -2.46 -11.67
C TYR A 170 -15.74 -0.81 -13.32
C TYR A 170 -10.73 -1.98 -13.07
N VAL A 171 -15.85 -1.44 -14.49
N VAL A 171 -11.67 -2.67 -13.71
CA VAL A 171 -16.58 -0.83 -15.60
CA VAL A 171 -12.06 -2.25 -15.06
C VAL A 171 -17.99 -0.40 -15.16
C VAL A 171 -13.56 -2.31 -15.29
N ASP A 172 -18.52 -1.05 -14.14
CA ASP A 172 -19.85 -0.73 -13.63
CA ASP A 172 -15.77 -2.67 -14.37
C ASP A 172 -19.73 0.36 -12.57
C ASP A 172 -16.44 -1.44 -13.78
N PRO A 173 -20.29 1.55 -12.83
N PRO A 173 -17.24 -0.74 -14.59
CA PRO A 173 -20.24 2.65 -11.88
CA PRO A 173 -17.95 0.46 -14.12
C PRO A 173 -20.85 2.34 -10.51
C PRO A 173 -19.28 0.15 -13.47
N ALA A 174 -21.75 1.36 -10.49
N ALA A 174 -19.32 0.21 -12.14
CA ALA A 174 -22.42 0.97 -9.25
CA ALA A 174 -20.54 -0.06 -11.37
C ALA A 174 -21.51 0.08 -8.40
C ALA A 174 -20.26 -0.65 -10.00
N SER A 175 -20.45 -0.44 -9.01
N SER A 175 -19.25 -1.51 -9.94
CA SER A 175 -19.51 -1.32 -8.31
CA SER A 175 -18.89 -2.17 -8.69
C SER A 175 -18.83 -0.62 -7.14
C SER A 175 -18.55 -1.20 -7.55
N GLU A 176 -18.43 -1.42 -6.16
N GLU A 176 -18.19 -1.78 -6.39
CA GLU A 176 -17.76 -0.88 -4.98
CA GLU A 176 -17.84 -0.98 -5.22
C GLU A 176 -16.34 -0.39 -5.29
C GLU A 176 -16.45 -0.39 -5.40
N VAL A 177 -15.66 -1.05 -6.23
CA VAL A 177 -14.30 -0.64 -6.55
C VAL A 177 -14.28 0.75 -7.20
N GLN A 178 -15.21 1.01 -8.11
CA GLN A 178 -15.24 2.33 -8.74
C GLN A 178 -15.79 3.37 -7.76
N THR A 179 -16.75 2.96 -6.95
CA THR A 179 -17.34 3.85 -5.97
C THR A 179 -16.29 4.25 -4.94
N HIS A 180 -15.42 3.31 -4.59
CA HIS A 180 -14.36 3.58 -3.63
C HIS A 180 -13.47 4.70 -4.19
N ASP A 181 -13.09 4.59 -5.46
CA ASP A 181 -12.25 5.59 -6.11
C ASP A 181 -12.92 6.96 -6.16
N ARG A 182 -14.21 6.99 -6.52
CA ARG A 182 -14.91 8.27 -6.60
C ARG A 182 -15.04 8.94 -5.23
N SER A 183 -15.23 8.14 -4.18
CA SER A 183 -15.36 8.67 -2.83
C SER A 183 -14.06 9.26 -2.32
N ALA A 184 -12.95 8.78 -2.87
CA ALA A 184 -11.62 9.23 -2.45
C ALA A 184 -10.97 10.28 -3.36
N GLY A 185 -11.56 10.53 -4.52
CA GLY A 185 -11.00 11.52 -5.43
C GLY A 185 -10.12 10.96 -6.52
N TRP A 186 -10.09 9.64 -6.66
CA TRP A 186 -9.29 9.02 -7.71
C TRP A 186 -10.04 9.04 -9.04
N ALA A 187 -11.34 9.30 -8.97
CA ALA A 187 -12.19 9.37 -10.15
C ALA A 187 -13.22 10.47 -9.93
N THR A 188 -13.86 10.92 -11.02
CA THR A 188 -14.86 11.98 -10.92
C THR A 188 -16.09 11.53 -10.14
N ARG A 189 -16.52 12.35 -9.19
CA ARG A 189 -17.68 12.06 -8.37
C ARG A 189 -18.99 12.02 -9.17
N ARG A 190 -19.91 11.20 -8.70
CA ARG A 190 -21.23 11.05 -9.31
C ARG A 190 -22.25 11.46 -8.27
N HIS A 191 -23.37 12.03 -8.70
CA HIS A 191 -24.40 12.45 -7.77
C HIS A 191 -24.81 11.28 -6.88
N GLY A 192 -24.88 11.52 -5.59
CA GLY A 192 -25.26 10.46 -4.66
C GLY A 192 -24.11 9.72 -4.01
N ASP A 193 -22.91 9.85 -4.55
CA ASP A 193 -21.74 9.16 -3.98
C ASP A 193 -21.43 9.58 -2.55
N PRO A 194 -20.74 8.71 -1.80
CA PRO A 194 -20.41 9.06 -0.42
C PRO A 194 -19.53 10.31 -0.50
N ALA A 195 -19.59 11.15 0.52
CA ALA A 195 -18.82 12.39 0.56
C ALA A 195 -17.31 12.18 0.66
N ASP A 196 -16.90 11.18 1.43
CA ASP A 196 -15.50 10.88 1.63
C ASP A 196 -15.28 9.38 1.81
N THR A 197 -14.04 8.98 2.06
CA THR A 197 -13.74 7.57 2.24
C THR A 197 -14.39 6.98 3.48
N TYR A 198 -14.41 7.74 4.58
CA TYR A 198 -15.03 7.26 5.82
C TYR A 198 -16.48 6.85 5.55
N GLU A 199 -17.22 7.74 4.91
CA GLU A 199 -18.62 7.47 4.62
C GLU A 199 -18.78 6.23 3.74
N PHE A 200 -17.92 6.10 2.73
CA PHE A 200 -17.99 4.96 1.84
C PHE A 200 -17.84 3.64 2.61
N LEU A 201 -16.89 3.61 3.54
CA LEU A 201 -16.66 2.41 4.33
C LEU A 201 -17.89 2.00 5.13
N THR A 202 -18.61 2.98 5.68
CA THR A 202 -19.80 2.68 6.47
C THR A 202 -20.94 2.07 5.66
N THR A 203 -20.85 2.16 4.33
CA THR A 203 -21.90 1.62 3.48
C THR A 203 -21.68 0.15 3.11
N LEU A 204 -20.52 -0.38 3.46
CA LEU A 204 -20.19 -1.76 3.13
C LEU A 204 -20.92 -2.80 3.97
N ARG A 205 -21.35 -3.86 3.30
CA ARG A 205 -22.08 -4.95 3.96
C ARG A 205 -21.52 -6.32 3.56
N GLY A 206 -21.86 -7.32 4.35
CA GLY A 206 -21.41 -8.68 4.09
C GLY A 206 -22.35 -9.66 4.78
N ASP A 207 -22.19 -10.96 4.53
CA ASP A 207 -23.06 -11.94 5.15
C ASP A 207 -22.72 -12.25 6.61
N GLY A 208 -21.62 -11.68 7.09
CA GLY A 208 -21.22 -11.88 8.47
C GLY A 208 -20.15 -12.95 8.66
N SER A 209 -19.90 -13.75 7.64
CA SER A 209 -18.90 -14.80 7.75
C SER A 209 -17.49 -14.21 7.71
N THR A 210 -16.57 -14.87 8.42
CA THR A 210 -15.17 -14.44 8.48
C THR A 210 -14.29 -15.68 8.43
N GLY A 211 -12.99 -15.49 8.36
CA GLY A 211 -12.08 -16.63 8.32
C GLY A 211 -11.48 -16.95 6.97
N GLU A 212 -12.16 -16.56 5.89
CA GLU A 212 -11.63 -16.82 4.56
C GLU A 212 -11.07 -15.55 3.97
N PHE A 213 -9.93 -15.67 3.28
CA PHE A 213 -9.30 -14.51 2.67
C PHE A 213 -10.13 -13.90 1.54
N GLN A 214 -10.31 -12.59 1.59
CA GLN A 214 -10.99 -11.87 0.52
C GLN A 214 -10.26 -10.55 0.39
N TYR A 215 -9.46 -10.42 -0.67
CA TYR A 215 -8.71 -9.20 -0.89
C TYR A 215 -9.69 -8.07 -1.13
N CYS A 216 -9.63 -7.05 -0.28
CA CYS A 216 -10.52 -5.90 -0.41
C CYS A 216 -9.81 -4.64 0.09
N SER A 217 -9.58 -3.70 -0.82
CA SER A 217 -8.89 -2.46 -0.47
C SER A 217 -9.55 -1.65 0.64
N ALA A 218 -10.85 -1.84 0.84
CA ALA A 218 -11.54 -1.10 1.89
C ALA A 218 -10.97 -1.47 3.27
N ASN A 219 -10.48 -2.70 3.39
CA ASN A 219 -9.92 -3.14 4.67
C ASN A 219 -8.77 -2.26 5.13
N THR A 220 -7.89 -1.90 4.20
CA THR A 220 -6.74 -1.08 4.54
C THR A 220 -7.17 0.31 4.99
N ASP A 221 -8.17 0.87 4.33
CA ASP A 221 -8.64 2.19 4.72
C ASP A 221 -9.25 2.15 6.12
N VAL A 222 -9.86 1.02 6.49
CA VAL A 222 -10.42 0.88 7.84
C VAL A 222 -9.25 0.88 8.83
N LEU A 223 -8.14 0.25 8.45
CA LEU A 223 -6.97 0.22 9.31
C LEU A 223 -6.45 1.63 9.54
N ALA A 224 -6.41 2.43 8.47
CA ALA A 224 -5.92 3.81 8.58
C ALA A 224 -6.85 4.61 9.48
N TRP A 225 -8.15 4.36 9.38
CA TRP A 225 -9.14 5.05 10.20
C TRP A 225 -8.88 4.70 11.67
N ILE A 226 -8.61 3.43 11.93
CA ILE A 226 -8.33 2.98 13.30
C ILE A 226 -7.08 3.70 13.79
N VAL A 227 -6.08 3.81 12.92
CA VAL A 227 -4.84 4.49 13.28
C VAL A 227 -5.12 5.93 13.70
N GLU A 228 -6.00 6.60 12.96
CA GLU A 228 -6.34 7.98 13.28
C GLU A 228 -7.06 8.10 14.62
N ARG A 229 -8.01 7.21 14.87
CA ARG A 229 -8.76 7.26 16.12
C ARG A 229 -7.90 6.97 17.35
N VAL A 230 -6.90 6.11 17.19
CA VAL A 230 -6.02 5.76 18.30
C VAL A 230 -4.90 6.77 18.57
N THR A 231 -4.46 7.48 17.54
CA THR A 231 -3.37 8.45 17.70
C THR A 231 -3.81 9.90 17.69
N GLY A 232 -4.94 10.18 17.02
CA GLY A 232 -5.41 11.54 16.91
C GLY A 232 -4.69 12.25 15.77
N LEU A 233 -3.89 11.51 15.03
CA LEU A 233 -3.12 12.07 13.92
C LEU A 233 -3.72 11.75 12.56
N ARG A 234 -3.61 12.68 11.60
CA ARG A 234 -4.09 12.41 10.26
C ARG A 234 -3.26 11.21 9.81
N TYR A 235 -3.84 10.31 9.02
CA TYR A 235 -3.08 9.15 8.57
C TYR A 235 -1.81 9.59 7.86
N VAL A 236 -1.88 10.69 7.12
CA VAL A 236 -0.70 11.20 6.43
C VAL A 236 0.43 11.44 7.41
N GLU A 237 0.11 12.02 8.58
CA GLU A 237 1.13 12.29 9.58
C GLU A 237 1.57 11.01 10.30
N ALA A 238 0.62 10.14 10.60
CA ALA A 238 0.96 8.89 11.27
C ALA A 238 1.90 8.06 10.40
N LEU A 239 1.68 8.07 9.09
CA LEU A 239 2.54 7.30 8.18
C LEU A 239 3.97 7.83 8.25
N SER A 240 4.11 9.13 8.46
CA SER A 240 5.43 9.73 8.56
C SER A 240 6.06 9.44 9.94
N THR A 241 5.33 9.79 10.99
CA THR A 241 5.82 9.60 12.35
C THR A 241 6.20 8.17 12.72
N TYR A 242 5.33 7.22 12.38
CA TYR A 242 5.59 5.82 12.71
C TYR A 242 6.43 5.03 11.71
N LEU A 243 6.61 5.56 10.50
CA LEU A 243 7.40 4.84 9.51
C LEU A 243 8.36 5.66 8.67
N TRP A 244 7.84 6.49 7.78
CA TRP A 244 8.69 7.25 6.87
C TRP A 244 9.82 8.06 7.50
N ALA A 245 9.51 8.81 8.56
CA ALA A 245 10.52 9.64 9.20
C ALA A 245 11.64 8.88 9.91
N LYS A 246 11.48 7.56 10.05
CA LYS A 246 12.49 6.74 10.71
C LYS A 246 13.38 6.00 9.72
N LEU A 247 13.09 6.13 8.43
CA LEU A 247 13.84 5.41 7.39
C LEU A 247 15.11 6.08 6.88
N ASP A 248 15.29 7.36 7.19
CA ASP A 248 16.43 8.13 6.68
C ASP A 248 16.31 8.08 5.16
N ALA A 249 15.10 8.37 4.68
CA ALA A 249 14.80 8.37 3.25
C ALA A 249 15.41 9.57 2.56
N ASP A 250 15.64 9.43 1.26
CA ASP A 250 16.20 10.51 0.45
C ASP A 250 15.17 11.59 0.21
N ARG A 251 13.93 11.18 -0.01
CA ARG A 251 12.85 12.12 -0.28
C ARG A 251 11.58 11.81 0.51
N ASP A 252 10.69 12.79 0.62
CA ASP A 252 9.42 12.57 1.28
C ASP A 252 8.70 11.62 0.35
N ALA A 253 7.69 10.95 0.89
CA ALA A 253 6.85 10.10 0.05
C ALA A 253 5.64 11.02 -0.12
N THR A 254 4.67 10.61 -0.93
CA THR A 254 3.45 11.41 -1.08
C THR A 254 2.31 10.42 -1.03
N ILE A 255 1.12 10.92 -0.74
CA ILE A 255 -0.06 10.09 -0.69
C ILE A 255 -1.25 10.93 -1.11
N THR A 256 -2.08 10.40 -1.99
CA THR A 256 -3.26 11.14 -2.41
C THR A 256 -4.18 11.25 -1.21
N VAL A 257 -4.97 12.31 -1.15
CA VAL A 257 -5.90 12.50 -0.05
C VAL A 257 -7.28 12.81 -0.58
N ASP A 258 -8.33 12.43 0.16
CA ASP A 258 -9.67 12.74 -0.30
C ASP A 258 -10.05 14.14 0.13
N THR A 259 -11.30 14.53 -0.07
CA THR A 259 -11.72 15.89 0.27
C THR A 259 -11.58 16.29 1.73
N THR A 260 -11.41 15.32 2.63
CA THR A 260 -11.25 15.63 4.05
C THR A 260 -9.77 15.62 4.46
N GLY A 261 -8.91 15.25 3.52
CA GLY A 261 -7.49 15.18 3.80
C GLY A 261 -7.05 13.80 4.23
N PHE A 262 -7.96 12.83 4.14
CA PHE A 262 -7.68 11.45 4.53
C PHE A 262 -6.86 10.76 3.44
N GLY A 263 -5.68 10.28 3.81
CA GLY A 263 -4.83 9.61 2.84
C GLY A 263 -5.44 8.30 2.34
N PHE A 264 -5.25 8.03 1.05
CA PHE A 264 -5.77 6.82 0.41
C PHE A 264 -4.80 5.71 0.80
N ALA A 265 -4.92 5.23 2.04
CA ALA A 265 -4.03 4.23 2.57
C ALA A 265 -3.86 2.93 1.76
N ASN A 266 -4.94 2.48 1.12
CA ASN A 266 -4.91 1.24 0.36
C ASN A 266 -4.08 1.25 -0.92
N GLY A 267 -3.78 2.43 -1.46
CA GLY A 267 -3.00 2.43 -2.68
C GLY A 267 -2.49 3.74 -3.24
N GLY A 268 -2.59 4.82 -2.46
CA GLY A 268 -2.16 6.12 -2.97
C GLY A 268 -0.78 6.66 -2.64
N VAL A 269 0.10 5.84 -2.10
CA VAL A 269 1.45 6.30 -1.77
C VAL A 269 2.39 6.25 -2.98
N SER A 270 3.27 7.25 -3.09
CA SER A 270 4.27 7.32 -4.14
C SER A 270 5.62 7.60 -3.48
N CYS A 271 6.68 6.97 -3.96
CA CYS A 271 8.01 7.22 -3.40
C CYS A 271 9.06 6.72 -4.38
N THR A 272 10.34 6.97 -4.08
CA THR A 272 11.39 6.50 -4.98
C THR A 272 11.64 5.02 -4.74
N ALA A 273 12.22 4.35 -5.72
CA ALA A 273 12.51 2.92 -5.58
C ALA A 273 13.49 2.69 -4.44
N ARG A 274 14.53 3.51 -4.37
CA ARG A 274 15.54 3.36 -3.31
C ARG A 274 14.93 3.53 -1.93
N ASP A 275 14.02 4.49 -1.77
CA ASP A 275 13.41 4.69 -0.45
C ASP A 275 12.48 3.55 -0.10
N LEU A 276 11.77 3.02 -1.08
CA LEU A 276 10.86 1.92 -0.79
C LEU A 276 11.70 0.74 -0.29
N ALA A 277 12.90 0.58 -0.84
CA ALA A 277 13.77 -0.51 -0.43
C ALA A 277 14.12 -0.40 1.06
N ARG A 278 14.15 0.82 1.58
CA ARG A 278 14.46 1.05 2.99
C ARG A 278 13.41 0.40 3.87
N VAL A 279 12.18 0.29 3.36
CA VAL A 279 11.11 -0.36 4.12
C VAL A 279 11.43 -1.86 4.21
N GLY A 280 11.88 -2.42 3.09
CA GLY A 280 12.23 -3.83 3.07
C GLY A 280 13.41 -4.12 3.97
N ARG A 281 14.38 -3.21 3.97
CA ARG A 281 15.58 -3.33 4.79
C ARG A 281 15.17 -3.36 6.26
N MET A 282 14.22 -2.52 6.64
CA MET A 282 13.74 -2.47 8.01
C MET A 282 13.13 -3.81 8.39
N MET A 283 12.37 -4.40 7.47
CA MET A 283 11.74 -5.68 7.73
C MET A 283 12.79 -6.78 7.92
N LEU A 284 13.83 -6.76 7.09
CA LEU A 284 14.87 -7.78 7.21
C LEU A 284 15.80 -7.52 8.38
N ASP A 285 15.67 -6.36 9.01
CA ASP A 285 16.48 -5.99 10.17
C ASP A 285 15.67 -6.16 11.46
N GLY A 286 14.67 -7.03 11.42
CA GLY A 286 13.86 -7.28 12.60
C GLY A 286 12.96 -6.15 13.07
N GLY A 287 12.63 -5.23 12.17
CA GLY A 287 11.76 -4.12 12.54
C GLY A 287 12.45 -2.82 12.91
N VAL A 288 13.78 -2.79 12.86
CA VAL A 288 14.53 -1.60 13.22
C VAL A 288 15.01 -0.81 12.00
N ALA A 289 14.89 0.51 12.09
CA ALA A 289 15.32 1.40 11.01
C ALA A 289 16.35 2.37 11.59
N PRO A 290 17.03 3.14 10.72
CA PRO A 290 18.05 4.08 11.21
C PRO A 290 17.54 5.08 12.24
N GLY A 291 16.28 5.49 12.12
CA GLY A 291 15.71 6.44 13.05
C GLY A 291 15.09 5.82 14.29
N GLY A 292 15.23 4.50 14.42
CA GLY A 292 14.68 3.81 15.58
C GLY A 292 13.84 2.61 15.18
N ARG A 293 13.35 1.87 16.17
CA ARG A 293 12.52 0.70 15.90
C ARG A 293 11.17 1.13 15.36
N VAL A 294 10.76 0.49 14.28
CA VAL A 294 9.48 0.77 13.63
C VAL A 294 8.42 -0.19 14.16
N VAL A 295 8.72 -1.48 14.11
CA VAL A 295 7.83 -2.51 14.61
C VAL A 295 8.66 -3.51 15.40
N SER A 296 7.98 -4.35 16.19
CA SER A 296 8.66 -5.33 17.02
C SER A 296 9.22 -6.50 16.22
N GLU A 297 10.16 -7.22 16.83
CA GLU A 297 10.76 -8.39 16.22
C GLU A 297 9.64 -9.40 15.98
N ASP A 298 8.71 -9.49 16.93
CA ASP A 298 7.61 -10.43 16.83
C ASP A 298 6.71 -10.13 15.64
N TRP A 299 6.44 -8.85 15.41
CA TRP A 299 5.59 -8.46 14.30
C TRP A 299 6.22 -8.90 12.99
N VAL A 300 7.51 -8.63 12.82
CA VAL A 300 8.20 -9.02 11.59
C VAL A 300 8.20 -10.54 11.46
N ARG A 301 8.45 -11.24 12.57
CA ARG A 301 8.46 -12.70 12.55
C ARG A 301 7.13 -13.25 12.09
N ARG A 302 6.03 -12.67 12.59
CA ARG A 302 4.70 -13.12 12.18
C ARG A 302 4.43 -12.84 10.71
N VAL A 303 4.96 -11.73 10.19
CA VAL A 303 4.77 -11.43 8.78
C VAL A 303 5.49 -12.48 7.93
N LEU A 304 6.74 -12.78 8.29
CA LEU A 304 7.52 -13.77 7.55
C LEU A 304 6.94 -15.17 7.69
N ALA A 305 6.30 -15.45 8.82
CA ALA A 305 5.72 -16.77 9.06
C ALA A 305 4.50 -17.04 8.18
N GLY A 306 3.78 -15.98 7.81
CA GLY A 306 2.62 -16.13 6.96
C GLY A 306 1.31 -16.24 7.74
N GLY A 307 0.20 -16.24 7.00
CA GLY A 307 -1.10 -16.36 7.63
C GLY A 307 -1.60 -17.78 7.49
N SER A 308 -2.85 -18.03 7.88
CA SER A 308 -3.42 -19.36 7.77
C SER A 308 -3.52 -19.75 6.29
N HIS A 309 -2.95 -20.90 5.92
CA HIS A 309 -2.98 -21.32 4.54
C HIS A 309 -4.39 -21.65 4.07
N GLU A 310 -5.18 -22.25 4.97
CA GLU A 310 -6.54 -22.65 4.65
C GLU A 310 -7.44 -21.45 4.29
N ALA A 311 -7.11 -20.28 4.83
CA ALA A 311 -7.88 -19.08 4.55
C ALA A 311 -7.60 -18.58 3.13
N MET A 312 -6.43 -18.90 2.60
CA MET A 312 -6.04 -18.46 1.26
C MET A 312 -6.65 -19.32 0.15
N THR A 313 -7.74 -18.85 -0.43
CA THR A 313 -8.42 -19.58 -1.49
C THR A 313 -8.36 -18.87 -2.84
N ASP A 314 -7.48 -17.88 -2.97
CA ASP A 314 -7.34 -17.16 -4.24
C ASP A 314 -6.46 -17.97 -5.19
N LYS A 315 -7.08 -18.59 -6.18
CA LYS A 315 -6.35 -19.41 -7.14
C LYS A 315 -5.33 -18.58 -7.91
N GLY A 316 -5.61 -17.29 -8.06
CA GLY A 316 -4.70 -16.42 -8.76
C GLY A 316 -3.34 -16.36 -8.08
N PHE A 317 -3.34 -16.65 -6.78
CA PHE A 317 -2.10 -16.63 -5.99
C PHE A 317 -1.58 -18.04 -5.76
N THR A 318 -2.47 -18.95 -5.34
CA THR A 318 -2.08 -20.32 -5.03
C THR A 318 -1.67 -21.19 -6.21
N ASN A 319 -2.04 -20.81 -7.43
CA ASN A 319 -1.64 -21.60 -8.58
C ASN A 319 -0.14 -21.45 -8.76
N THR A 320 0.39 -20.31 -8.33
CA THR A 320 1.81 -20.04 -8.42
C THR A 320 2.48 -20.40 -7.11
N PHE A 321 1.80 -20.08 -6.01
CA PHE A 321 2.31 -20.33 -4.66
C PHE A 321 1.29 -21.18 -3.89
N PRO A 322 1.32 -22.51 -4.10
CA PRO A 322 0.40 -23.44 -3.44
C PRO A 322 0.29 -23.35 -1.92
N ASP A 323 1.41 -23.04 -1.26
CA ASP A 323 1.42 -22.95 0.19
C ASP A 323 1.42 -21.49 0.64
N GLY A 324 0.92 -20.62 -0.23
CA GLY A 324 0.87 -19.21 0.06
C GLY A 324 -0.21 -18.81 1.04
N SER A 325 -0.11 -17.58 1.54
CA SER A 325 -1.06 -17.05 2.50
C SER A 325 -0.93 -15.53 2.52
N TYR A 326 -1.66 -14.90 3.42
CA TYR A 326 -1.65 -13.45 3.55
C TYR A 326 -1.82 -13.06 5.01
N THR A 327 -0.99 -12.13 5.47
CA THR A 327 -1.12 -11.67 6.84
C THR A 327 -0.57 -10.26 7.04
N ARG A 328 -1.28 -9.49 7.85
CA ARG A 328 -0.85 -8.14 8.19
C ARG A 328 -0.46 -7.28 6.99
N GLN A 329 -1.28 -7.36 5.95
CA GLN A 329 -1.11 -6.58 4.73
C GLN A 329 0.07 -6.98 3.84
N TRP A 330 0.58 -8.20 4.02
CA TRP A 330 1.67 -8.72 3.20
C TRP A 330 1.26 -10.04 2.58
N TRP A 331 1.71 -10.28 1.35
CA TRP A 331 1.44 -11.54 0.65
C TRP A 331 2.63 -12.44 0.97
N CYS A 332 2.33 -13.66 1.39
CA CYS A 332 3.37 -14.62 1.74
C CYS A 332 3.31 -15.80 0.76
N THR A 333 4.38 -15.94 -0.03
CA THR A 333 4.42 -17.01 -1.04
C THR A 333 4.45 -18.41 -0.47
N GLY A 334 5.07 -18.57 0.70
CA GLY A 334 5.18 -19.89 1.29
C GLY A 334 6.08 -20.77 0.46
N ASN A 335 6.87 -20.17 -0.43
CA ASN A 335 7.77 -20.97 -1.25
C ASN A 335 9.01 -21.41 -0.48
N GLU A 336 9.86 -22.19 -1.14
CA GLU A 336 11.06 -22.71 -0.52
C GLU A 336 12.01 -21.63 0.02
N ARG A 337 11.90 -20.41 -0.51
CA ARG A 337 12.75 -19.32 -0.07
C ARG A 337 12.10 -18.48 1.01
N GLY A 338 10.82 -18.73 1.27
CA GLY A 338 10.09 -17.97 2.27
C GLY A 338 9.84 -16.55 1.82
N ASN A 339 9.78 -16.33 0.51
CA ASN A 339 9.55 -14.99 -0.03
C ASN A 339 8.23 -14.41 0.42
N VAL A 340 8.25 -13.11 0.73
CA VAL A 340 7.07 -12.37 1.16
C VAL A 340 7.13 -11.09 0.34
N SER A 341 5.98 -10.55 -0.02
CA SER A 341 6.01 -9.34 -0.84
C SER A 341 4.80 -8.42 -0.71
N GLY A 342 5.08 -7.13 -0.88
CA GLY A 342 4.01 -6.15 -0.89
C GLY A 342 3.71 -6.20 -2.39
N ILE A 343 2.45 -6.12 -2.77
CA ILE A 343 2.09 -6.20 -4.18
C ILE A 343 1.05 -5.15 -4.55
N GLY A 344 1.21 -4.55 -5.74
CA GLY A 344 0.26 -3.55 -6.21
C GLY A 344 -0.05 -3.79 -7.67
N ILE A 345 -1.25 -3.43 -8.11
CA ILE A 345 -1.63 -3.63 -9.51
C ILE A 345 -0.70 -2.91 -10.48
N HIS A 346 -0.68 -3.39 -11.72
CA HIS A 346 0.16 -2.86 -12.78
C HIS A 346 1.65 -3.16 -12.58
N GLY A 347 1.95 -4.10 -11.69
CA GLY A 347 3.32 -4.50 -11.48
C GLY A 347 4.19 -3.89 -10.41
N GLN A 348 3.63 -3.63 -9.23
CA GLN A 348 4.43 -3.06 -8.15
C GLN A 348 4.74 -4.15 -7.15
N ASN A 349 6.01 -4.23 -6.74
CA ASN A 349 6.43 -5.22 -5.74
C ASN A 349 7.51 -4.70 -4.79
N LEU A 350 7.34 -5.02 -3.51
CA LEU A 350 8.34 -4.73 -2.48
C LEU A 350 8.57 -6.17 -2.06
N TRP A 351 9.51 -6.82 -2.72
CA TRP A 351 9.82 -8.23 -2.53
C TRP A 351 10.96 -8.51 -1.56
N LEU A 352 10.70 -9.36 -0.57
CA LEU A 352 11.70 -9.71 0.44
C LEU A 352 12.28 -11.10 0.20
N ASP A 353 13.61 -11.18 0.20
CA ASP A 353 14.30 -12.45 0.01
C ASP A 353 15.23 -12.65 1.22
N PRO A 354 14.66 -13.02 2.37
CA PRO A 354 15.45 -13.22 3.58
C PRO A 354 16.68 -14.13 3.45
N LEU A 355 16.61 -15.13 2.58
CA LEU A 355 17.75 -16.05 2.40
C LEU A 355 19.03 -15.33 2.03
N THR A 356 18.92 -14.31 1.17
CA THR A 356 20.08 -13.56 0.73
C THR A 356 20.13 -12.18 1.39
N ASP A 357 19.26 -11.96 2.37
CA ASP A 357 19.18 -10.70 3.09
C ASP A 357 18.99 -9.57 2.08
N SER A 358 18.22 -9.85 1.05
CA SER A 358 17.98 -8.88 -0.02
C SER A 358 16.54 -8.40 -0.18
N VAL A 359 16.41 -7.23 -0.79
CA VAL A 359 15.12 -6.61 -1.05
C VAL A 359 15.10 -6.27 -2.52
N ILE A 360 14.00 -6.60 -3.21
CA ILE A 360 13.87 -6.29 -4.61
C ILE A 360 12.67 -5.39 -4.79
N VAL A 361 12.91 -4.23 -5.40
CA VAL A 361 11.86 -3.27 -5.66
C VAL A 361 11.62 -3.21 -7.16
N LYS A 362 10.38 -3.40 -7.58
CA LYS A 362 10.05 -3.32 -8.99
C LYS A 362 8.78 -2.49 -9.10
N LEU A 363 8.91 -1.34 -9.74
CA LEU A 363 7.79 -0.43 -9.93
C LEU A 363 7.58 -0.38 -11.43
N SER A 364 6.36 -0.71 -11.85
CA SER A 364 6.04 -0.78 -13.27
C SER A 364 4.72 -0.13 -13.65
N SER A 365 4.37 -0.26 -14.92
CA SER A 365 3.13 0.27 -15.46
C SER A 365 2.58 -0.65 -16.54
N TRP A 366 2.22 -1.88 -16.16
CA TRP A 366 1.65 -2.81 -17.13
C TRP A 366 0.41 -2.14 -17.68
N PRO A 367 0.07 -2.44 -18.95
CA PRO A 367 -1.14 -1.82 -19.49
C PRO A 367 -2.39 -2.23 -18.71
N ASP A 368 -2.38 -3.46 -18.17
CA ASP A 368 -3.50 -3.99 -17.41
C ASP A 368 -3.19 -4.06 -15.92
N PRO A 369 -4.21 -3.88 -15.06
CA PRO A 369 -3.96 -3.94 -13.62
C PRO A 369 -3.51 -5.34 -13.18
N TYR A 370 -4.14 -6.35 -13.76
CA TYR A 370 -3.82 -7.74 -13.42
C TYR A 370 -4.22 -8.76 -14.49
N THR A 371 -3.28 -9.63 -14.85
CA THR A 371 -3.54 -10.73 -15.79
C THR A 371 -2.58 -11.83 -15.39
N GLU A 372 -2.96 -13.08 -15.64
CA GLU A 372 -2.12 -14.21 -15.31
C GLU A 372 -0.80 -14.06 -16.04
N HIS A 373 -0.87 -13.52 -17.25
CA HIS A 373 0.29 -13.30 -18.11
C HIS A 373 1.35 -12.42 -17.44
N TRP A 374 0.94 -11.22 -17.02
CA TRP A 374 1.86 -10.29 -16.37
C TRP A 374 2.45 -10.85 -15.08
N HIS A 375 1.62 -11.47 -14.25
CA HIS A 375 2.10 -12.02 -13.00
C HIS A 375 3.10 -13.15 -13.19
N ARG A 376 2.87 -13.98 -14.20
CA ARG A 376 3.78 -15.08 -14.47
C ARG A 376 5.15 -14.50 -14.84
N LEU A 377 5.15 -13.51 -15.72
CA LEU A 377 6.39 -12.88 -16.13
C LEU A 377 7.05 -12.15 -14.97
N GLN A 378 6.27 -11.37 -14.22
CA GLN A 378 6.79 -10.62 -13.09
C GLN A 378 7.40 -11.51 -12.02
N ASN A 379 6.65 -12.54 -11.60
CA ASN A 379 7.17 -13.44 -10.58
C ASN A 379 8.39 -14.20 -11.07
N GLY A 380 8.42 -14.48 -12.37
CA GLY A 380 9.56 -15.18 -12.94
C GLY A 380 10.82 -14.36 -12.75
N ILE A 381 10.70 -13.05 -12.96
CA ILE A 381 11.82 -12.14 -12.82
C ILE A 381 12.27 -12.03 -11.35
N LEU A 382 11.30 -11.85 -10.45
CA LEU A 382 11.63 -11.72 -9.04
C LEU A 382 12.30 -12.97 -8.49
N LEU A 383 11.81 -14.14 -8.91
CA LEU A 383 12.39 -15.40 -8.45
C LEU A 383 13.78 -15.61 -9.04
N ASP A 384 13.94 -15.30 -10.32
CA ASP A 384 15.24 -15.46 -10.98
C ASP A 384 16.28 -14.55 -10.35
N VAL A 385 15.90 -13.31 -10.06
CA VAL A 385 16.83 -12.37 -9.45
C VAL A 385 17.17 -12.82 -8.04
N SER A 386 16.19 -13.33 -7.31
CA SER A 386 16.43 -13.80 -5.95
C SER A 386 17.46 -14.94 -5.99
N ARG A 387 17.22 -15.90 -6.88
CA ARG A 387 18.14 -17.03 -6.99
C ARG A 387 19.54 -16.63 -7.45
N ALA A 388 19.63 -15.56 -8.23
CA ALA A 388 20.92 -15.08 -8.72
C ALA A 388 21.76 -14.51 -7.59
N LEU A 389 21.12 -14.21 -6.45
CA LEU A 389 21.81 -13.66 -5.31
C LEU A 389 22.36 -14.75 -4.38
N ASP A 390 21.95 -16.00 -4.63
CA ASP A 390 22.42 -17.11 -3.81
C ASP A 390 23.92 -17.32 -3.92
N ALA A 391 24.52 -17.79 -2.83
CA ALA A 391 25.94 -18.07 -2.83
C ALA A 391 26.13 -19.24 -3.77
N VAL A 392 27.22 -19.23 -4.53
CA VAL A 392 27.49 -20.31 -5.47
C VAL A 392 28.92 -20.80 -5.31
C ACA B . -4.02 -2.93 -5.71
O ACA B . -4.22 -4.16 -5.52
OXT ACA B . -2.91 -2.46 -6.03
C2 ACA B . -5.17 -1.98 -5.54
C3 ACA B . -4.73 -0.52 -5.63
C4 ACA B . -5.85 0.42 -5.25
C5 ACA B . -6.55 0.94 -6.48
C6 ACA B . -7.64 1.93 -6.09
N ACA B . -8.99 1.36 -6.34
C1 GOL C . -3.05 -16.08 10.51
O1 GOL C . -3.95 -15.64 9.51
C2 GOL C . -2.06 -14.98 10.91
O2 GOL C . -2.73 -13.95 11.66
C3 GOL C . -0.93 -15.57 11.76
O3 GOL C . -0.17 -14.55 12.38
C1 GOL D . 5.97 -4.74 -25.99
O1 GOL D . 6.65 -4.79 -27.24
C2 GOL D . 6.16 -6.04 -25.21
O2 GOL D . 7.56 -6.24 -24.94
C3 GOL D . 5.37 -6.00 -23.91
O3 GOL D . 5.34 -7.28 -23.29
C1 GOL E . 8.02 14.94 -8.45
O1 GOL E . 9.27 15.44 -8.91
C2 GOL E . 8.18 13.54 -7.87
O2 GOL E . 6.90 13.04 -7.43
C3 GOL E . 8.79 12.60 -8.90
O3 GOL E . 7.80 11.79 -9.52
C1 GOL F . -3.84 -8.12 -5.60
O1 GOL F . -4.85 -9.10 -5.77
C2 GOL F . -3.01 -7.96 -6.87
O2 GOL F . -3.86 -7.56 -7.95
C3 GOL F . -1.92 -6.91 -6.65
O3 GOL F . -2.37 -5.88 -5.79
C1 GOL G . -1.42 -11.72 -5.91
O1 GOL G . -0.47 -11.99 -6.93
C2 GOL G . -2.85 -11.84 -6.44
O2 GOL G . -3.07 -10.87 -7.47
C3 GOL G . -3.08 -13.24 -7.00
O3 GOL G . -4.41 -13.37 -7.49
O1 MES H . -4.50 29.33 11.51
C2 MES H . -3.38 29.30 12.46
C3 MES H . -2.11 28.72 11.79
N4 MES H . -2.41 27.35 11.09
C5 MES H . -3.68 27.41 10.18
C6 MES H . -4.88 28.05 10.92
C7 MES H . -1.18 26.89 10.27
C8 MES H . -1.02 25.36 10.19
S MES H . 0.58 24.91 9.53
O1S MES H . 1.74 25.43 10.47
O2S MES H . 0.75 25.52 8.07
O3S MES H . 0.73 23.24 9.40
O1 MES I . 18.26 -20.39 -14.95
C2 MES I . 18.82 -19.25 -14.23
C3 MES I . 18.63 -17.94 -15.04
N4 MES I . 17.64 -18.15 -16.24
C5 MES I . 16.40 -19.02 -15.87
C6 MES I . 16.81 -20.36 -15.22
C7 MES I . 17.19 -16.79 -16.82
C8 MES I . 18.12 -16.25 -17.92
S MES I . 17.67 -14.60 -18.47
O1S MES I . 17.49 -13.63 -17.24
O2S MES I . 16.31 -14.66 -19.29
O3S MES I . 18.85 -13.97 -19.46
#